data_6ECQ
#
_entry.id   6ECQ
#
_cell.length_a   67.490
_cell.length_b   136.370
_cell.length_c   61.380
_cell.angle_alpha   90.00
_cell.angle_beta   90.00
_cell.angle_gamma   90.00
#
_symmetry.space_group_name_H-M   'P 21 21 21'
#
loop_
_entity.id
_entity.type
_entity.pdbx_description
1 polymer 'METHYLENETETRAHYDROFOLATE DEHYDROGENASE CYCLOHYDROLASE'
2 non-polymer 'NADP NICOTINAMIDE-ADENINE-DINUCLEOTIDE PHOSPHATE'
3 non-polymer 'N-{4-[(6aR)-3-amino-1,9-dioxo-1,2,5,6,6a,7-hexahydroimidazo[1,5-f]pteridin-8(9H)-yl]benzene-1-carbonyl}-L-glutamic acid'
4 water water
#
_entity_poly.entity_id   1
_entity_poly.type   'polypeptide(L)'
_entity_poly.pdbx_seq_one_letter_code
;MAPAEILNGKEISAQIRARLKNQVTQLKEQVPGFTPRLAILQVGNRDDSNLYINVKLKAAEEIGIKATHIKLPRTTTESE
VMKYITSLNEDSTVHGFLVQLPLDSENSINTEEVINAIAPEKDVDGLTSINAGRLARGDLNDCFIPCTPKGCLELIKETG
VPIAGRHAVVVGRSKIVGAPMHDLLLWNNATVTTCHSKTAHLDEEVNKGDILVVATGQPEMVKGEWIKPGAIVIDCGINY
VPDDKKPNGRKVVGDVAYDEAKERASFITPVPGGVGPMTVAMLMQSTVESAKRFLE
;
_entity_poly.pdbx_strand_id   A,B
#
# COMPACT_ATOMS: atom_id res chain seq x y z
N ALA A 2 28.09 -23.54 -14.68
CA ALA A 2 28.03 -22.38 -13.71
C ALA A 2 27.19 -21.12 -14.07
N PRO A 3 26.85 -20.86 -15.37
CA PRO A 3 26.01 -19.69 -15.63
C PRO A 3 24.52 -19.91 -15.29
N ALA A 4 23.88 -18.87 -14.75
CA ALA A 4 22.45 -18.74 -14.58
C ALA A 4 21.73 -18.73 -15.93
N GLU A 5 20.56 -19.34 -15.98
CA GLU A 5 19.69 -19.24 -17.14
C GLU A 5 19.34 -17.80 -17.39
N ILE A 6 19.42 -17.36 -18.65
CA ILE A 6 19.15 -15.97 -19.01
C ILE A 6 17.66 -15.82 -19.35
N LEU A 7 16.95 -15.01 -18.57
CA LEU A 7 15.57 -14.64 -18.86
C LEU A 7 15.58 -13.58 -19.95
N ASN A 8 15.17 -13.98 -21.15
CA ASN A 8 15.27 -13.14 -22.33
C ASN A 8 14.02 -12.31 -22.50
N GLY A 9 14.03 -11.13 -21.90
CA GLY A 9 12.88 -10.23 -22.01
C GLY A 9 12.52 -9.79 -23.40
N LYS A 10 13.48 -9.77 -24.31
CA LYS A 10 13.27 -9.41 -25.72
C LYS A 10 12.40 -10.47 -26.42
N GLU A 11 12.73 -11.75 -26.25
CA GLU A 11 11.94 -12.86 -26.81
C GLU A 11 10.54 -12.98 -26.16
N ILE A 12 10.51 -12.84 -24.84
CA ILE A 12 9.30 -13.06 -24.04
C ILE A 12 8.28 -11.97 -24.28
N SER A 13 8.75 -10.72 -24.36
CA SER A 13 7.91 -9.59 -24.74
C SER A 13 7.39 -9.73 -26.17
N ALA A 14 8.21 -10.25 -27.08
CA ALA A 14 7.77 -10.52 -28.45
C ALA A 14 6.66 -11.56 -28.50
N GLN A 15 6.75 -12.62 -27.72
CA GLN A 15 5.67 -13.61 -27.59
C GLN A 15 4.37 -12.97 -27.10
N ILE A 16 4.49 -12.06 -26.13
CA ILE A 16 3.35 -11.39 -25.57
C ILE A 16 2.71 -10.43 -26.60
N ARG A 17 3.54 -9.64 -27.28
CA ARG A 17 3.05 -8.69 -28.29
C ARG A 17 2.40 -9.38 -29.48
N ALA A 18 2.90 -10.53 -29.90
CA ALA A 18 2.27 -11.32 -30.98
C ALA A 18 0.90 -11.79 -30.55
N ARG A 19 0.80 -12.24 -29.30
CA ARG A 19 -0.45 -12.73 -28.75
C ARG A 19 -1.51 -11.58 -28.70
N LEU A 20 -1.10 -10.44 -28.16
CA LEU A 20 -1.95 -9.26 -28.11
C LEU A 20 -2.43 -8.76 -29.47
N LYS A 21 -1.54 -8.82 -30.47
CA LYS A 21 -1.86 -8.46 -31.85
C LYS A 21 -2.97 -9.34 -32.37
N ASN A 22 -2.84 -10.65 -32.17
CA ASN A 22 -3.93 -11.59 -32.50
C ASN A 22 -5.21 -11.26 -31.73
N GLN A 23 -5.10 -10.91 -30.44
CA GLN A 23 -6.28 -10.45 -29.68
C GLN A 23 -6.93 -9.22 -30.31
N VAL A 24 -6.09 -8.23 -30.66
CA VAL A 24 -6.55 -6.96 -31.23
C VAL A 24 -7.17 -7.13 -32.61
N THR A 25 -6.58 -8.00 -33.45
CA THR A 25 -7.14 -8.37 -34.76
C THR A 25 -8.54 -8.91 -34.59
N GLN A 26 -8.75 -9.77 -33.59
CA GLN A 26 -10.05 -10.42 -33.38
C GLN A 26 -11.14 -9.49 -32.88
N LEU A 27 -10.77 -8.51 -32.06
CA LEU A 27 -11.73 -7.50 -31.66
C LEU A 27 -12.22 -6.65 -32.84
N LYS A 28 -11.33 -6.36 -33.79
CA LYS A 28 -11.71 -5.62 -35.01
C LYS A 28 -12.59 -6.47 -35.95
N GLU A 29 -12.33 -7.78 -36.06
CA GLU A 29 -13.21 -8.68 -36.85
C GLU A 29 -14.58 -8.86 -36.20
N GLN A 30 -14.63 -8.89 -34.87
CA GLN A 30 -15.89 -9.01 -34.11
C GLN A 30 -16.73 -7.72 -34.07
N VAL A 31 -16.06 -6.57 -33.95
CA VAL A 31 -16.71 -5.25 -33.89
C VAL A 31 -16.05 -4.31 -34.91
N PRO A 32 -16.40 -4.42 -36.21
CA PRO A 32 -15.54 -3.70 -37.19
C PRO A 32 -15.58 -2.19 -37.04
N GLY A 33 -14.40 -1.58 -37.21
CA GLY A 33 -14.19 -0.14 -37.03
C GLY A 33 -13.77 0.29 -35.64
N PHE A 34 -13.94 -0.58 -34.65
CA PHE A 34 -13.48 -0.33 -33.27
C PHE A 34 -11.96 -0.42 -33.22
N THR A 35 -11.35 0.59 -32.59
CA THR A 35 -9.89 0.70 -32.47
C THR A 35 -9.53 0.98 -31.01
N PRO A 36 -8.89 0.01 -30.33
CA PRO A 36 -8.26 0.29 -29.05
C PRO A 36 -7.32 1.44 -29.17
N ARG A 37 -7.33 2.31 -28.18
CA ARG A 37 -6.62 3.57 -28.28
C ARG A 37 -5.92 3.99 -26.98
N LEU A 38 -4.62 4.21 -27.10
CA LEU A 38 -3.75 4.64 -26.03
C LEU A 38 -3.37 6.07 -26.32
N ALA A 39 -3.23 6.88 -25.26
CA ALA A 39 -2.71 8.25 -25.38
C ALA A 39 -1.59 8.44 -24.38
N ILE A 40 -0.50 9.08 -24.78
CA ILE A 40 0.62 9.37 -23.88
C ILE A 40 0.83 10.88 -23.83
N LEU A 41 0.85 11.42 -22.62
CA LEU A 41 0.99 12.84 -22.39
C LEU A 41 2.37 13.07 -21.85
N GLN A 42 3.13 13.93 -22.52
CA GLN A 42 4.51 14.27 -22.13
C GLN A 42 4.59 15.76 -21.81
N VAL A 43 5.42 16.11 -20.85
CA VAL A 43 5.68 17.50 -20.49
C VAL A 43 7.17 17.74 -20.65
N GLY A 44 7.50 18.73 -21.46
CA GLY A 44 8.87 19.01 -21.82
C GLY A 44 9.34 18.16 -22.96
N ASN A 45 10.64 17.93 -23.00
CA ASN A 45 11.27 17.33 -24.17
C ASN A 45 12.55 16.57 -23.78
N ARG A 46 12.51 15.82 -22.67
CA ARG A 46 13.68 15.03 -22.27
C ARG A 46 13.98 13.99 -23.35
N ASP A 47 15.27 13.78 -23.61
CA ASP A 47 15.70 12.83 -24.67
C ASP A 47 15.40 11.37 -24.34
N ASP A 48 15.56 10.97 -23.07
CA ASP A 48 15.18 9.63 -22.62
C ASP A 48 13.66 9.39 -22.70
N SER A 49 12.86 10.34 -22.25
CA SER A 49 11.41 10.27 -22.39
C SER A 49 11.00 10.20 -23.88
N ASN A 50 11.62 11.01 -24.72
CA ASN A 50 11.36 10.93 -26.16
C ASN A 50 11.63 9.52 -26.71
N LEU A 51 12.74 8.92 -26.34
CA LEU A 51 13.08 7.55 -26.76
C LEU A 51 12.08 6.52 -26.23
N TYR A 52 11.75 6.58 -24.94
CA TYR A 52 10.84 5.60 -24.33
C TYR A 52 9.45 5.70 -24.94
N ILE A 53 9.02 6.92 -25.23
CA ILE A 53 7.71 7.13 -25.83
C ILE A 53 7.68 6.51 -27.23
N ASN A 54 8.69 6.76 -28.05
CA ASN A 54 8.77 6.08 -29.37
C ASN A 54 8.67 4.54 -29.30
N VAL A 55 9.35 3.93 -28.34
CA VAL A 55 9.27 2.48 -28.15
C VAL A 55 7.84 2.05 -27.80
N LYS A 56 7.19 2.75 -26.89
CA LYS A 56 5.76 2.50 -26.61
C LYS A 56 4.90 2.64 -27.88
N LEU A 57 5.10 3.70 -28.66
CA LEU A 57 4.31 3.96 -29.86
C LEU A 57 4.49 2.89 -30.94
N LYS A 58 5.73 2.45 -31.12
CA LYS A 58 6.07 1.43 -32.10
C LYS A 58 5.48 0.03 -31.74
N ALA A 59 5.53 -0.32 -30.46
CA ALA A 59 4.92 -1.56 -29.95
C ALA A 59 3.42 -1.57 -30.15
N ALA A 60 2.80 -0.43 -29.88
CA ALA A 60 1.36 -0.22 -30.02
C ALA A 60 0.88 -0.36 -31.46
N GLU A 61 1.57 0.32 -32.38
CA GLU A 61 1.21 0.30 -33.80
C GLU A 61 1.43 -1.11 -34.41
N GLU A 62 2.42 -1.86 -33.94
CA GLU A 62 2.57 -3.25 -34.37
C GLU A 62 1.44 -4.19 -33.87
N ILE A 63 0.87 -3.89 -32.70
CA ILE A 63 -0.24 -4.66 -32.14
C ILE A 63 -1.59 -4.28 -32.80
N GLY A 64 -1.64 -3.11 -33.43
CA GLY A 64 -2.88 -2.58 -33.96
C GLY A 64 -3.59 -1.64 -33.01
N ILE A 65 -2.93 -1.21 -31.94
CA ILE A 65 -3.45 -0.16 -31.06
C ILE A 65 -3.18 1.23 -31.68
N LYS A 66 -4.18 2.10 -31.67
CA LYS A 66 -3.98 3.47 -32.10
C LYS A 66 -3.32 4.27 -30.98
N ALA A 67 -2.09 4.72 -31.19
CA ALA A 67 -1.34 5.43 -30.14
C ALA A 67 -1.12 6.90 -30.50
N THR A 68 -1.69 7.78 -29.69
CA THR A 68 -1.59 9.24 -29.80
C THR A 68 -0.52 9.77 -28.84
N HIS A 69 0.31 10.71 -29.29
CA HIS A 69 1.35 11.33 -28.46
C HIS A 69 1.10 12.83 -28.41
N ILE A 70 0.98 13.37 -27.19
CA ILE A 70 0.75 14.78 -26.96
C ILE A 70 1.94 15.30 -26.20
N LYS A 71 2.76 16.12 -26.86
CA LYS A 71 3.91 16.76 -26.25
C LYS A 71 3.66 18.23 -25.87
N LEU A 72 3.70 18.55 -24.57
CA LEU A 72 3.54 19.92 -24.09
C LEU A 72 4.87 20.56 -23.74
N PRO A 73 5.01 21.87 -23.96
CA PRO A 73 6.29 22.56 -23.79
C PRO A 73 6.71 22.71 -22.32
N ARG A 74 7.98 23.06 -22.10
CA ARG A 74 8.53 23.20 -20.75
C ARG A 74 7.86 24.32 -19.93
N THR A 75 7.29 25.32 -20.62
CA THR A 75 6.53 26.40 -19.97
C THR A 75 5.23 25.95 -19.27
N THR A 76 4.75 24.76 -19.57
CA THR A 76 3.46 24.27 -19.06
C THR A 76 3.28 24.36 -17.52
N THR A 77 2.05 24.69 -17.09
CA THR A 77 1.66 24.71 -15.69
C THR A 77 0.77 23.52 -15.36
N GLU A 78 0.57 23.33 -14.06
CA GLU A 78 -0.31 22.30 -13.52
C GLU A 78 -1.72 22.42 -14.05
N SER A 79 -2.28 23.62 -14.03
CA SER A 79 -3.60 23.85 -14.62
C SER A 79 -3.71 23.35 -16.07
N GLU A 80 -2.69 23.61 -16.91
CA GLU A 80 -2.77 23.19 -18.31
C GLU A 80 -2.73 21.67 -18.39
N VAL A 81 -1.80 21.06 -17.66
CA VAL A 81 -1.71 19.61 -17.59
C VAL A 81 -3.05 19.00 -17.18
N MET A 82 -3.66 19.51 -16.11
CA MET A 82 -4.99 19.08 -15.64
C MET A 82 -6.10 19.20 -16.72
N LYS A 83 -6.06 20.26 -17.53
CA LYS A 83 -7.03 20.43 -18.60
C LYS A 83 -6.93 19.29 -19.65
N TYR A 84 -5.72 18.93 -20.02
CA TYR A 84 -5.52 17.75 -20.88
C TYR A 84 -5.96 16.42 -20.25
N ILE A 85 -5.67 16.23 -18.96
CA ILE A 85 -6.04 14.99 -18.25
C ILE A 85 -7.56 14.88 -18.33
N THR A 86 -8.24 15.98 -18.01
CA THR A 86 -9.69 16.06 -18.04
C THR A 86 -10.28 15.77 -19.45
N SER A 87 -9.65 16.30 -20.50
CA SER A 87 -10.09 16.04 -21.88
C SER A 87 -9.96 14.57 -22.29
N LEU A 88 -8.85 13.94 -21.89
CA LEU A 88 -8.62 12.52 -22.15
C LEU A 88 -9.54 11.63 -21.31
N ASN A 89 -9.80 12.04 -20.07
CA ASN A 89 -10.88 11.44 -19.29
C ASN A 89 -12.20 11.37 -20.03
N GLU A 90 -12.62 12.50 -20.60
CA GLU A 90 -13.95 12.59 -21.26
C GLU A 90 -14.00 12.06 -22.72
N ASP A 91 -12.86 12.10 -23.43
CA ASP A 91 -12.78 11.53 -24.78
C ASP A 91 -13.02 10.02 -24.69
N SER A 92 -14.23 9.59 -25.03
CA SER A 92 -14.63 8.18 -24.96
C SER A 92 -13.93 7.27 -25.99
N THR A 93 -13.36 7.82 -27.08
CA THR A 93 -12.54 7.02 -28.01
C THR A 93 -11.19 6.54 -27.42
N VAL A 94 -10.78 7.13 -26.27
CA VAL A 94 -9.51 6.86 -25.62
C VAL A 94 -9.74 5.93 -24.42
N HIS A 95 -9.20 4.71 -24.52
CA HIS A 95 -9.42 3.67 -23.53
C HIS A 95 -8.40 3.69 -22.41
N GLY A 96 -7.14 3.91 -22.76
CA GLY A 96 -6.08 4.06 -21.78
C GLY A 96 -5.25 5.29 -22.05
N PHE A 97 -4.76 5.92 -20.99
CA PHE A 97 -3.73 6.94 -21.12
C PHE A 97 -2.82 7.02 -19.90
N LEU A 98 -1.65 7.62 -20.09
CA LEU A 98 -0.64 7.74 -19.04
C LEU A 98 0.03 9.09 -19.12
N VAL A 99 0.63 9.55 -18.01
CA VAL A 99 1.55 10.68 -18.05
C VAL A 99 2.97 10.13 -17.91
N GLN A 100 3.80 10.37 -18.92
CA GLN A 100 5.20 9.96 -18.89
C GLN A 100 5.94 10.73 -17.79
N LEU A 101 6.78 10.06 -17.02
CA LEU A 101 7.57 10.69 -15.94
C LEU A 101 9.10 10.56 -16.14
N PRO A 102 9.91 11.43 -15.52
CA PRO A 102 9.48 12.62 -14.78
C PRO A 102 9.06 13.77 -15.70
N LEU A 103 8.23 14.67 -15.18
CA LEU A 103 7.75 15.83 -15.94
C LEU A 103 8.89 16.83 -16.08
N ASP A 104 9.05 17.40 -17.27
CA ASP A 104 10.11 18.38 -17.49
C ASP A 104 9.47 19.74 -17.73
N SER A 105 9.23 20.47 -16.65
CA SER A 105 8.68 21.82 -16.70
C SER A 105 9.54 22.79 -15.90
N GLU A 106 9.52 24.06 -16.31
CA GLU A 106 10.17 25.14 -15.55
C GLU A 106 9.35 25.51 -14.29
N ASN A 107 8.06 25.16 -14.27
CA ASN A 107 7.22 25.42 -13.10
C ASN A 107 7.07 24.21 -12.21
N SER A 108 6.71 24.48 -10.95
CA SER A 108 6.35 23.43 -10.00
C SER A 108 5.09 22.75 -10.49
N ILE A 109 5.11 21.43 -10.50
CA ILE A 109 3.93 20.63 -10.77
C ILE A 109 3.93 19.48 -9.76
N ASN A 110 2.78 19.24 -9.14
CA ASN A 110 2.59 18.15 -8.20
C ASN A 110 2.26 16.88 -8.98
N THR A 111 3.24 16.00 -9.14
CA THR A 111 3.05 14.73 -9.86
C THR A 111 1.87 13.89 -9.34
N GLU A 112 1.68 13.84 -8.03
CA GLU A 112 0.63 13.02 -7.44
C GLU A 112 -0.77 13.55 -7.77
N GLU A 113 -0.99 14.87 -7.68
CA GLU A 113 -2.28 15.51 -8.03
C GLU A 113 -2.68 15.36 -9.50
N VAL A 114 -1.67 15.40 -10.37
CA VAL A 114 -1.85 15.20 -11.81
C VAL A 114 -2.27 13.75 -12.11
N ILE A 115 -1.45 12.80 -11.65
CA ILE A 115 -1.71 11.37 -11.78
C ILE A 115 -3.06 10.98 -11.15
N ASN A 116 -3.44 11.56 -10.03
CA ASN A 116 -4.67 11.19 -9.34
C ASN A 116 -5.94 11.77 -9.98
N ALA A 117 -5.78 12.76 -10.87
CA ALA A 117 -6.89 13.23 -11.72
C ALA A 117 -7.20 12.28 -12.88
N ILE A 118 -6.31 11.34 -13.18
CA ILE A 118 -6.55 10.34 -14.24
C ILE A 118 -7.71 9.44 -13.84
N ALA A 119 -8.63 9.23 -14.78
CA ALA A 119 -9.77 8.37 -14.52
C ALA A 119 -9.22 6.96 -14.26
N PRO A 120 -9.60 6.34 -13.14
CA PRO A 120 -8.98 5.04 -12.76
C PRO A 120 -9.18 3.90 -13.77
N GLU A 121 -10.20 4.02 -14.62
CA GLU A 121 -10.50 3.00 -15.65
C GLU A 121 -9.59 3.14 -16.87
N LYS A 122 -8.89 4.26 -17.00
CA LYS A 122 -7.95 4.48 -18.07
C LYS A 122 -6.48 4.47 -17.59
N ASP A 123 -6.25 4.27 -16.28
CA ASP A 123 -4.94 4.37 -15.64
C ASP A 123 -4.12 3.11 -15.90
N VAL A 124 -3.63 3.04 -17.13
CA VAL A 124 -2.90 1.88 -17.62
C VAL A 124 -1.50 1.75 -16.95
N ASP A 125 -0.87 2.85 -16.57
CA ASP A 125 0.33 2.85 -15.74
C ASP A 125 0.09 2.42 -14.27
N GLY A 126 -1.15 2.43 -13.82
CA GLY A 126 -1.49 2.00 -12.44
C GLY A 126 -0.96 2.84 -11.30
N LEU A 127 -0.74 4.12 -11.55
CA LEU A 127 -0.11 4.98 -10.58
C LEU A 127 -1.07 5.84 -9.80
N THR A 128 -2.36 5.83 -10.13
CA THR A 128 -3.35 6.51 -9.32
C THR A 128 -3.35 5.90 -7.91
N SER A 129 -3.71 6.69 -6.91
CA SER A 129 -3.90 6.18 -5.57
C SER A 129 -4.99 5.11 -5.49
N ILE A 130 -6.06 5.23 -6.28
CA ILE A 130 -7.12 4.22 -6.28
C ILE A 130 -6.56 2.85 -6.65
N ASN A 131 -5.73 2.81 -7.69
CA ASN A 131 -5.16 1.53 -8.13
C ASN A 131 -4.07 1.05 -7.17
N ALA A 132 -3.26 1.98 -6.68
CA ALA A 132 -2.22 1.67 -5.70
C ALA A 132 -2.80 1.05 -4.44
N GLY A 133 -3.91 1.62 -3.99
CA GLY A 133 -4.56 1.18 -2.78
C GLY A 133 -5.20 -0.17 -2.92
N ARG A 134 -5.74 -0.45 -4.10
CA ARG A 134 -6.30 -1.77 -4.37
C ARG A 134 -5.22 -2.84 -4.41
N LEU A 135 -4.11 -2.55 -5.07
CA LEU A 135 -2.96 -3.44 -5.09
C LEU A 135 -2.34 -3.62 -3.70
N ALA A 136 -2.17 -2.52 -2.96
CA ALA A 136 -1.46 -2.58 -1.68
C ALA A 136 -2.24 -3.35 -0.62
N ARG A 137 -3.56 -3.47 -0.80
CA ARG A 137 -4.41 -4.21 0.13
C ARG A 137 -4.91 -5.59 -0.37
N GLY A 138 -4.47 -6.02 -1.55
CA GLY A 138 -4.77 -7.38 -2.06
C GLY A 138 -5.98 -7.57 -3.00
N ASP A 139 -6.54 -6.47 -3.50
CA ASP A 139 -7.70 -6.47 -4.38
C ASP A 139 -7.26 -6.42 -5.86
N LEU A 140 -6.73 -7.54 -6.33
CA LEU A 140 -6.21 -7.63 -7.70
C LEU A 140 -7.29 -7.89 -8.77
N ASN A 141 -8.53 -8.15 -8.36
CA ASN A 141 -9.62 -8.40 -9.32
C ASN A 141 -9.78 -7.28 -10.33
N ASP A 142 -9.58 -6.04 -9.90
CA ASP A 142 -10.12 -4.88 -10.63
C ASP A 142 -9.27 -3.57 -10.51
N CYS A 143 -7.94 -3.74 -10.52
CA CYS A 143 -7.04 -2.60 -10.66
C CYS A 143 -6.01 -2.86 -11.73
N PHE A 144 -5.41 -1.77 -12.21
CA PHE A 144 -4.19 -1.88 -13.01
C PHE A 144 -3.03 -1.93 -12.06
N ILE A 145 -1.99 -2.61 -12.52
CA ILE A 145 -0.77 -2.87 -11.81
C ILE A 145 0.33 -2.15 -12.57
N PRO A 146 1.23 -1.45 -11.86
CA PRO A 146 2.22 -0.71 -12.63
C PRO A 146 3.02 -1.59 -13.55
N CYS A 147 3.32 -1.07 -14.74
CA CYS A 147 3.80 -1.90 -15.86
C CYS A 147 5.15 -2.60 -15.58
N THR A 148 6.09 -1.91 -14.92
CA THR A 148 7.39 -2.49 -14.61
C THR A 148 7.29 -3.69 -13.67
N PRO A 149 6.62 -3.53 -12.50
CA PRO A 149 6.43 -4.72 -11.63
C PRO A 149 5.59 -5.85 -12.24
N LYS A 150 4.58 -5.49 -13.02
CA LYS A 150 3.82 -6.48 -13.80
C LYS A 150 4.78 -7.30 -14.69
N GLY A 151 5.71 -6.62 -15.36
CA GLY A 151 6.70 -7.25 -16.23
C GLY A 151 7.65 -8.15 -15.47
N CYS A 152 8.08 -7.67 -14.30
CA CYS A 152 8.93 -8.43 -13.37
C CYS A 152 8.22 -9.68 -12.91
N LEU A 153 6.95 -9.57 -12.53
CA LEU A 153 6.20 -10.76 -12.09
C LEU A 153 6.12 -11.79 -13.20
N GLU A 154 5.90 -11.33 -14.42
CA GLU A 154 5.83 -12.23 -15.56
C GLU A 154 7.18 -12.96 -15.77
N LEU A 155 8.27 -12.22 -15.68
CA LEU A 155 9.61 -12.79 -15.80
C LEU A 155 9.90 -13.85 -14.72
N ILE A 156 9.48 -13.58 -13.49
CA ILE A 156 9.61 -14.56 -12.41
C ILE A 156 8.84 -15.84 -12.76
N LYS A 157 7.64 -15.70 -13.31
CA LYS A 157 6.82 -16.86 -13.71
C LYS A 157 7.43 -17.67 -14.86
N GLU A 158 8.20 -17.03 -15.74
CA GLU A 158 8.86 -17.77 -16.81
C GLU A 158 9.89 -18.77 -16.31
N THR A 159 10.25 -18.71 -15.04
CA THR A 159 11.17 -19.69 -14.49
C THR A 159 10.51 -21.03 -14.22
N GLY A 160 9.19 -21.02 -14.05
CA GLY A 160 8.44 -22.17 -13.57
C GLY A 160 8.47 -22.37 -12.06
N VAL A 161 9.27 -21.61 -11.33
CA VAL A 161 9.41 -21.78 -9.90
C VAL A 161 8.25 -21.04 -9.19
N PRO A 162 7.42 -21.76 -8.41
CA PRO A 162 6.33 -21.03 -7.75
C PRO A 162 6.81 -20.03 -6.72
N ILE A 163 6.03 -19.00 -6.51
CA ILE A 163 6.39 -17.87 -5.63
C ILE A 163 5.99 -18.13 -4.18
N ALA A 164 4.81 -18.74 -3.97
CA ALA A 164 4.28 -19.07 -2.64
C ALA A 164 5.33 -19.63 -1.65
N GLY A 165 5.43 -19.00 -0.48
CA GLY A 165 6.33 -19.48 0.55
C GLY A 165 7.78 -19.13 0.37
N ARG A 166 8.17 -18.58 -0.79
CA ARG A 166 9.54 -18.14 -1.03
C ARG A 166 9.80 -16.86 -0.27
N HIS A 167 11.03 -16.66 0.19
CA HIS A 167 11.44 -15.39 0.74
C HIS A 167 11.91 -14.50 -0.41
N ALA A 168 11.18 -13.42 -0.69
CA ALA A 168 11.55 -12.48 -1.74
C ALA A 168 12.05 -11.19 -1.13
N VAL A 169 12.96 -10.52 -1.85
CA VAL A 169 13.58 -9.27 -1.41
C VAL A 169 13.49 -8.23 -2.52
N VAL A 170 12.93 -7.06 -2.21
CA VAL A 170 12.85 -5.94 -3.14
C VAL A 170 13.77 -4.82 -2.63
N VAL A 171 14.76 -4.45 -3.43
CA VAL A 171 15.66 -3.36 -3.10
C VAL A 171 15.15 -2.13 -3.83
N GLY A 172 14.48 -1.26 -3.10
CA GLY A 172 13.83 -0.06 -3.65
C GLY A 172 12.34 -0.05 -3.32
N ARG A 173 11.78 1.13 -3.06
CA ARG A 173 10.39 1.32 -2.65
C ARG A 173 9.71 2.48 -3.40
N SER A 174 10.07 2.68 -4.66
CA SER A 174 9.51 3.80 -5.44
C SER A 174 8.06 3.48 -5.80
N LYS A 175 7.28 4.54 -6.06
CA LYS A 175 5.88 4.41 -6.49
C LYS A 175 5.77 3.65 -7.81
N ILE A 176 6.73 3.86 -8.69
CA ILE A 176 6.70 3.30 -10.06
C ILE A 176 7.13 1.81 -10.07
N VAL A 177 8.05 1.40 -9.21
CA VAL A 177 8.55 0.02 -9.25
C VAL A 177 8.59 -0.68 -7.89
N GLY A 178 9.44 -0.19 -6.97
CA GLY A 178 9.69 -0.90 -5.72
C GLY A 178 8.49 -1.24 -4.84
N ALA A 179 7.67 -0.24 -4.53
CA ALA A 179 6.50 -0.43 -3.66
C ALA A 179 5.44 -1.36 -4.28
N PRO A 180 5.03 -1.10 -5.55
CA PRO A 180 4.14 -2.06 -6.15
C PRO A 180 4.73 -3.43 -6.38
N MET A 181 6.05 -3.54 -6.53
CA MET A 181 6.72 -4.85 -6.63
C MET A 181 6.55 -5.66 -5.37
N HIS A 182 6.72 -5.01 -4.21
CA HIS A 182 6.43 -5.66 -2.92
C HIS A 182 5.03 -6.24 -2.92
N ASP A 183 4.07 -5.40 -3.27
CA ASP A 183 2.66 -5.77 -3.14
C ASP A 183 2.32 -6.92 -4.04
N LEU A 184 2.85 -6.91 -5.26
CA LEU A 184 2.64 -8.04 -6.19
C LEU A 184 3.22 -9.32 -5.64
N LEU A 185 4.41 -9.24 -5.04
CA LEU A 185 5.05 -10.42 -4.48
C LEU A 185 4.29 -10.92 -3.27
N LEU A 186 3.97 -10.02 -2.36
CA LEU A 186 3.19 -10.35 -1.15
C LEU A 186 1.88 -11.02 -1.50
N TRP A 187 1.15 -10.49 -2.48
CA TRP A 187 -0.19 -11.04 -2.85
C TRP A 187 -0.13 -12.27 -3.76
N ASN A 188 1.06 -12.62 -4.26
CA ASN A 188 1.37 -13.95 -4.78
C ASN A 188 2.02 -14.85 -3.69
N ASN A 189 1.82 -14.52 -2.43
CA ASN A 189 2.20 -15.38 -1.31
C ASN A 189 3.70 -15.63 -1.02
N ALA A 190 4.54 -14.73 -1.46
CA ALA A 190 5.93 -14.66 -0.94
C ALA A 190 5.93 -14.00 0.43
N THR A 191 6.98 -14.24 1.17
CA THR A 191 7.30 -13.48 2.35
C THR A 191 8.26 -12.43 1.85
N VAL A 192 7.90 -11.16 1.95
CA VAL A 192 8.63 -10.11 1.25
C VAL A 192 9.33 -9.18 2.21
N THR A 193 10.60 -8.92 1.94
CA THR A 193 11.40 -7.92 2.65
C THR A 193 11.72 -6.73 1.74
N THR A 194 11.28 -5.52 2.10
CA THR A 194 11.58 -4.33 1.32
C THR A 194 12.78 -3.58 1.91
N CYS A 195 13.79 -3.34 1.07
CA CYS A 195 14.97 -2.57 1.44
C CYS A 195 14.95 -1.22 0.75
N HIS A 196 15.73 -0.27 1.29
CA HIS A 196 15.87 1.09 0.77
C HIS A 196 17.20 1.71 1.23
N SER A 197 17.37 3.02 1.05
CA SER A 197 18.64 3.71 1.33
C SER A 197 19.07 3.73 2.79
N LYS A 198 18.11 3.59 3.72
CA LYS A 198 18.40 3.52 5.16
C LYS A 198 18.49 2.09 5.71
N THR A 199 18.42 1.09 4.84
CA THR A 199 18.59 -0.30 5.24
C THR A 199 20.01 -0.54 5.67
N ALA A 200 20.19 -1.05 6.87
CA ALA A 200 21.49 -1.49 7.37
C ALA A 200 21.79 -2.88 6.86
N HIS A 201 23.09 -3.15 6.66
CA HIS A 201 23.57 -4.48 6.29
C HIS A 201 22.77 -5.02 5.11
N LEU A 202 22.71 -4.20 4.06
CA LEU A 202 21.98 -4.52 2.83
C LEU A 202 22.40 -5.85 2.21
N ASP A 203 23.70 -6.19 2.32
CA ASP A 203 24.21 -7.45 1.79
C ASP A 203 23.58 -8.69 2.43
N GLU A 204 23.45 -8.67 3.76
CA GLU A 204 22.88 -9.79 4.51
C GLU A 204 21.37 -9.90 4.29
N GLU A 205 20.69 -8.78 3.98
CA GLU A 205 19.28 -8.81 3.56
C GLU A 205 19.11 -9.46 2.18
N VAL A 206 19.89 -8.98 1.22
CA VAL A 206 19.86 -9.50 -0.14
C VAL A 206 20.13 -11.01 -0.18
N ASN A 207 21.04 -11.46 0.67
CA ASN A 207 21.43 -12.87 0.73
C ASN A 207 20.30 -13.81 1.17
N LYS A 208 19.24 -13.28 1.78
CA LYS A 208 18.06 -14.07 2.14
C LYS A 208 17.08 -14.29 0.97
N GLY A 209 17.34 -13.67 -0.19
CA GLY A 209 16.36 -13.61 -1.27
C GLY A 209 16.39 -14.75 -2.26
N ASP A 210 15.44 -15.68 -2.15
CA ASP A 210 15.13 -16.70 -3.19
C ASP A 210 14.68 -16.03 -4.45
N ILE A 211 13.95 -14.92 -4.26
CA ILE A 211 13.57 -14.01 -5.35
C ILE A 211 14.13 -12.64 -5.01
N LEU A 212 14.81 -12.03 -5.98
CA LEU A 212 15.41 -10.71 -5.78
C LEU A 212 14.97 -9.78 -6.92
N VAL A 213 14.38 -8.64 -6.58
CA VAL A 213 14.02 -7.64 -7.57
C VAL A 213 14.71 -6.35 -7.13
N VAL A 214 15.71 -5.92 -7.87
CA VAL A 214 16.48 -4.72 -7.56
C VAL A 214 16.02 -3.56 -8.44
N ALA A 215 15.61 -2.46 -7.80
CA ALA A 215 15.18 -1.26 -8.50
C ALA A 215 15.61 0.00 -7.73
N THR A 216 16.90 0.34 -7.84
CA THR A 216 17.55 1.42 -7.08
C THR A 216 18.14 2.61 -7.84
N GLY A 217 18.55 2.41 -9.10
CA GLY A 217 19.24 3.41 -9.87
C GLY A 217 20.66 3.68 -9.42
N GLN A 218 21.32 2.71 -8.79
CA GLN A 218 22.74 2.84 -8.48
C GLN A 218 23.46 1.76 -9.28
N PRO A 219 24.37 2.16 -10.22
CA PRO A 219 24.90 1.19 -11.19
C PRO A 219 25.69 0.05 -10.53
N GLU A 220 25.25 -1.19 -10.75
CA GLU A 220 25.95 -2.39 -10.27
C GLU A 220 26.22 -2.47 -8.76
N MET A 221 25.42 -1.78 -7.94
CA MET A 221 25.69 -1.69 -6.49
C MET A 221 25.51 -3.03 -5.77
N VAL A 222 24.53 -3.83 -6.19
CA VAL A 222 24.26 -5.13 -5.61
C VAL A 222 25.25 -6.12 -6.15
N LYS A 223 26.20 -6.52 -5.33
CA LYS A 223 27.27 -7.41 -5.77
C LYS A 223 26.81 -8.86 -5.85
N GLY A 224 27.52 -9.65 -6.63
CA GLY A 224 27.23 -11.07 -6.83
C GLY A 224 27.41 -11.92 -5.59
N GLU A 225 28.41 -11.59 -4.77
CA GLU A 225 28.62 -12.26 -3.48
C GLU A 225 27.33 -12.23 -2.62
N TRP A 226 26.56 -11.14 -2.71
CA TRP A 226 25.37 -10.96 -1.89
C TRP A 226 24.22 -11.88 -2.31
N ILE A 227 24.25 -12.35 -3.55
CA ILE A 227 23.16 -13.13 -4.13
C ILE A 227 23.10 -14.51 -3.50
N LYS A 228 21.89 -14.94 -3.13
CA LYS A 228 21.69 -16.25 -2.59
C LYS A 228 21.94 -17.26 -3.72
N PRO A 229 22.73 -18.33 -3.45
CA PRO A 229 22.84 -19.37 -4.47
C PRO A 229 21.47 -19.89 -4.88
N GLY A 230 21.21 -19.92 -6.18
CA GLY A 230 19.96 -20.42 -6.72
C GLY A 230 18.84 -19.40 -6.89
N ALA A 231 19.13 -18.14 -6.57
CA ALA A 231 18.08 -17.12 -6.60
C ALA A 231 17.63 -16.76 -8.01
N ILE A 232 16.42 -16.21 -8.09
CA ILE A 232 15.90 -15.55 -9.29
C ILE A 232 16.17 -14.06 -9.14
N VAL A 233 16.93 -13.48 -10.06
CA VAL A 233 17.39 -12.08 -9.97
C VAL A 233 16.76 -11.25 -11.09
N ILE A 234 15.97 -10.25 -10.69
CA ILE A 234 15.27 -9.39 -11.60
C ILE A 234 15.90 -8.01 -11.43
N ASP A 235 16.50 -7.52 -12.50
CA ASP A 235 17.26 -6.28 -12.49
C ASP A 235 16.54 -5.20 -13.29
N CYS A 236 16.00 -4.21 -12.59
CA CYS A 236 15.21 -3.17 -13.20
C CYS A 236 16.07 -2.01 -13.62
N GLY A 237 17.34 -2.02 -13.27
CA GLY A 237 18.23 -0.88 -13.53
C GLY A 237 18.47 -0.58 -15.00
N ILE A 238 18.44 0.72 -15.32
CA ILE A 238 18.91 1.25 -16.59
C ILE A 238 19.82 2.44 -16.30
N ASN A 239 21.12 2.18 -16.29
CA ASN A 239 22.16 3.14 -15.93
C ASN A 239 23.21 3.28 -17.03
N TYR A 240 23.55 4.51 -17.40
CA TYR A 240 24.56 4.79 -18.44
C TYR A 240 25.95 4.98 -17.78
N VAL A 241 26.94 4.20 -18.22
CA VAL A 241 28.29 4.17 -17.65
C VAL A 241 29.39 4.11 -18.77
N PRO A 242 30.63 4.55 -18.44
CA PRO A 242 31.88 4.22 -19.17
C PRO A 242 32.05 2.73 -19.53
N LYS A 251 27.28 2.64 -22.85
CA LYS A 251 27.15 1.35 -22.20
C LYS A 251 26.03 1.38 -21.16
N VAL A 252 25.16 0.36 -21.14
CA VAL A 252 24.05 0.26 -20.20
C VAL A 252 24.33 -0.93 -19.25
N VAL A 253 24.21 -0.66 -17.95
CA VAL A 253 24.29 -1.69 -16.92
C VAL A 253 23.09 -1.61 -16.00
N GLY A 254 22.81 -2.73 -15.34
CA GLY A 254 21.71 -2.83 -14.41
C GLY A 254 22.11 -2.29 -13.06
N ASP A 255 21.23 -2.52 -12.08
CA ASP A 255 21.54 -2.24 -10.68
C ASP A 255 22.25 -3.42 -10.03
N VAL A 256 22.36 -4.53 -10.77
CA VAL A 256 23.07 -5.73 -10.30
C VAL A 256 24.37 -5.87 -11.09
N ALA A 257 25.44 -6.24 -10.38
CA ALA A 257 26.72 -6.62 -11.00
C ALA A 257 26.54 -7.94 -11.72
N TYR A 258 26.12 -7.88 -12.98
CA TYR A 258 25.64 -9.04 -13.73
C TYR A 258 26.62 -10.21 -13.78
N ASP A 259 27.86 -9.93 -14.18
CA ASP A 259 28.84 -11.00 -14.38
C ASP A 259 29.09 -11.82 -13.11
N GLU A 260 29.18 -11.15 -11.96
CA GLU A 260 29.37 -11.85 -10.67
C GLU A 260 28.07 -12.49 -10.19
N ALA A 261 26.94 -11.80 -10.40
CA ALA A 261 25.63 -12.34 -10.03
C ALA A 261 25.20 -13.55 -10.85
N LYS A 262 25.57 -13.61 -12.15
CA LYS A 262 25.16 -14.74 -12.97
C LYS A 262 25.78 -16.08 -12.56
N GLU A 263 26.94 -16.05 -11.88
CA GLU A 263 27.53 -17.30 -11.39
C GLU A 263 26.77 -17.86 -10.18
N ARG A 264 26.14 -16.99 -9.38
CA ARG A 264 25.43 -17.43 -8.19
C ARG A 264 23.96 -17.75 -8.43
N ALA A 265 23.27 -16.92 -9.22
CA ALA A 265 21.82 -17.09 -9.49
C ALA A 265 21.52 -18.28 -10.41
N SER A 266 20.27 -18.72 -10.39
CA SER A 266 19.76 -19.76 -11.30
C SER A 266 19.07 -19.17 -12.55
N PHE A 267 18.39 -18.05 -12.33
CA PHE A 267 17.77 -17.27 -13.39
C PHE A 267 18.11 -15.79 -13.10
N ILE A 268 18.43 -15.05 -14.17
CA ILE A 268 18.75 -13.62 -14.05
C ILE A 268 18.30 -12.87 -15.29
N THR A 269 17.97 -11.59 -15.13
CA THR A 269 17.59 -10.71 -16.24
C THR A 269 18.80 -9.88 -16.70
N PRO A 270 19.19 -9.99 -17.98
CA PRO A 270 20.27 -9.12 -18.45
C PRO A 270 19.80 -7.67 -18.63
N VAL A 271 20.77 -6.79 -18.81
CA VAL A 271 20.53 -5.38 -19.05
C VAL A 271 21.46 -4.95 -20.20
N PRO A 272 20.92 -4.50 -21.33
CA PRO A 272 19.49 -4.37 -21.62
C PRO A 272 18.84 -5.73 -21.95
N GLY A 273 17.64 -5.73 -22.55
CA GLY A 273 16.96 -6.95 -22.98
C GLY A 273 16.25 -7.79 -21.89
N GLY A 274 16.05 -7.19 -20.71
CA GLY A 274 15.50 -7.90 -19.57
C GLY A 274 14.17 -7.35 -19.15
N VAL A 275 14.16 -6.51 -18.11
CA VAL A 275 12.95 -5.90 -17.60
C VAL A 275 12.41 -4.86 -18.59
N GLY A 276 13.27 -4.10 -19.24
CA GLY A 276 12.84 -3.00 -20.12
C GLY A 276 11.77 -3.30 -21.16
N PRO A 277 12.01 -4.29 -22.04
CA PRO A 277 11.01 -4.58 -23.06
C PRO A 277 9.70 -5.21 -22.53
N MET A 278 9.75 -5.77 -21.34
CA MET A 278 8.56 -6.34 -20.66
C MET A 278 7.68 -5.28 -20.07
N THR A 279 8.26 -4.15 -19.69
CA THR A 279 7.50 -2.99 -19.16
C THR A 279 6.52 -2.49 -20.21
N VAL A 280 6.98 -2.43 -21.45
CA VAL A 280 6.18 -1.97 -22.59
C VAL A 280 5.12 -3.00 -22.95
N ALA A 281 5.49 -4.29 -22.98
CA ALA A 281 4.51 -5.32 -23.29
C ALA A 281 3.30 -5.27 -22.30
N MET A 282 3.62 -5.05 -21.03
CA MET A 282 2.59 -4.92 -19.97
C MET A 282 1.74 -3.68 -20.13
N LEU A 283 2.35 -2.58 -20.57
CA LEU A 283 1.57 -1.39 -20.89
C LEU A 283 0.53 -1.75 -21.97
N MET A 284 0.97 -2.48 -22.99
CA MET A 284 0.09 -2.83 -24.09
C MET A 284 -0.99 -3.79 -23.64
N GLN A 285 -0.64 -4.73 -22.73
CA GLN A 285 -1.62 -5.64 -22.16
C GLN A 285 -2.70 -4.92 -21.39
N SER A 286 -2.29 -3.98 -20.53
CA SER A 286 -3.21 -3.12 -19.79
C SER A 286 -4.09 -2.28 -20.73
N THR A 287 -3.52 -1.78 -21.82
CA THR A 287 -4.28 -1.00 -22.80
C THR A 287 -5.39 -1.81 -23.45
N VAL A 288 -5.10 -3.08 -23.77
CA VAL A 288 -6.08 -3.96 -24.42
C VAL A 288 -7.19 -4.37 -23.43
N GLU A 289 -6.83 -4.64 -22.17
CA GLU A 289 -7.82 -4.86 -21.11
C GLU A 289 -8.75 -3.65 -20.97
N SER A 290 -8.21 -2.45 -21.02
CA SER A 290 -9.05 -1.27 -20.90
C SER A 290 -9.99 -1.19 -22.09
N ALA A 291 -9.49 -1.49 -23.28
CA ALA A 291 -10.31 -1.51 -24.49
C ALA A 291 -11.42 -2.58 -24.42
N LYS A 292 -11.06 -3.77 -23.90
CA LYS A 292 -12.02 -4.88 -23.73
C LYS A 292 -13.14 -4.56 -22.73
N ARG A 293 -12.78 -3.96 -21.59
CA ARG A 293 -13.76 -3.59 -20.57
C ARG A 293 -14.68 -2.51 -21.08
N PHE A 294 -14.16 -1.57 -21.88
CA PHE A 294 -14.99 -0.53 -22.49
C PHE A 294 -16.03 -1.10 -23.46
N LEU A 295 -15.75 -2.22 -24.12
CA LEU A 295 -16.76 -2.93 -24.91
C LEU A 295 -17.86 -3.65 -24.09
N GLU A 296 -18.26 -3.08 -22.96
CA GLU A 296 -19.28 -3.65 -22.06
C GLU A 296 -19.92 -2.47 -21.28
N ALA B 2 17.18 -9.22 32.05
CA ALA B 2 16.19 -8.11 32.04
C ALA B 2 14.78 -8.61 31.69
N PRO B 3 13.80 -8.46 32.63
CA PRO B 3 12.38 -8.53 32.18
C PRO B 3 11.97 -7.26 31.40
N ALA B 4 11.12 -7.45 30.38
CA ALA B 4 10.80 -6.40 29.41
C ALA B 4 10.00 -5.28 30.02
N GLU B 5 10.31 -4.05 29.63
CA GLU B 5 9.53 -2.87 30.05
C GLU B 5 8.11 -3.08 29.50
N ILE B 6 7.10 -2.84 30.35
CA ILE B 6 5.71 -3.02 29.94
C ILE B 6 5.17 -1.72 29.35
N LEU B 7 4.78 -1.74 28.09
CA LEU B 7 4.13 -0.60 27.44
C LEU B 7 2.67 -0.58 27.88
N ASN B 8 2.33 0.38 28.73
CA ASN B 8 1.00 0.47 29.34
C ASN B 8 0.07 1.30 28.47
N GLY B 9 -0.63 0.63 27.57
CA GLY B 9 -1.59 1.26 26.70
C GLY B 9 -2.71 2.03 27.36
N LYS B 10 -3.08 1.62 28.56
CA LYS B 10 -4.16 2.27 29.32
C LYS B 10 -3.72 3.66 29.80
N GLU B 11 -2.50 3.75 30.36
CA GLU B 11 -1.91 5.05 30.77
C GLU B 11 -1.62 5.96 29.59
N ILE B 12 -1.04 5.38 28.52
CA ILE B 12 -0.55 6.11 27.35
C ILE B 12 -1.71 6.68 26.55
N SER B 13 -2.77 5.91 26.38
CA SER B 13 -3.99 6.40 25.74
C SER B 13 -4.64 7.53 26.56
N ALA B 14 -4.60 7.41 27.88
CA ALA B 14 -5.10 8.46 28.76
C ALA B 14 -4.31 9.78 28.62
N GLN B 15 -2.98 9.67 28.53
CA GLN B 15 -2.11 10.83 28.27
C GLN B 15 -2.45 11.46 26.93
N ILE B 16 -2.75 10.66 25.92
CA ILE B 16 -3.07 11.16 24.59
C ILE B 16 -4.41 11.88 24.60
N ARG B 17 -5.42 11.28 25.24
CA ARG B 17 -6.75 11.88 25.28
C ARG B 17 -6.78 13.22 26.05
N ALA B 18 -6.00 13.29 27.14
CA ALA B 18 -5.87 14.54 27.89
C ALA B 18 -5.21 15.63 27.03
N ARG B 19 -4.17 15.23 26.31
CA ARG B 19 -3.43 16.13 25.46
C ARG B 19 -4.29 16.67 24.30
N LEU B 20 -5.04 15.78 23.64
CA LEU B 20 -5.97 16.19 22.60
C LEU B 20 -7.04 17.19 23.06
N LYS B 21 -7.56 16.97 24.28
CA LYS B 21 -8.51 17.86 24.90
C LYS B 21 -7.92 19.26 25.04
N ASN B 22 -6.71 19.32 25.58
CA ASN B 22 -5.97 20.57 25.65
C ASN B 22 -5.77 21.19 24.28
N GLN B 23 -5.43 20.38 23.28
CA GLN B 23 -5.30 20.86 21.89
C GLN B 23 -6.60 21.46 21.39
N VAL B 24 -7.72 20.74 21.61
CA VAL B 24 -9.03 21.13 21.13
C VAL B 24 -9.54 22.41 21.79
N THR B 25 -9.30 22.54 23.12
CA THR B 25 -9.63 23.77 23.86
C THR B 25 -8.94 24.96 23.22
N GLN B 26 -7.66 24.79 22.90
CA GLN B 26 -6.85 25.90 22.37
C GLN B 26 -7.21 26.32 20.97
N LEU B 27 -7.64 25.39 20.13
CA LEU B 27 -8.11 25.73 18.79
C LEU B 27 -9.39 26.57 18.84
N LYS B 28 -10.27 26.30 19.81
CA LYS B 28 -11.49 27.10 19.98
C LYS B 28 -11.18 28.51 20.53
N GLU B 29 -10.20 28.65 21.42
CA GLU B 29 -9.80 29.96 21.92
C GLU B 29 -9.07 30.79 20.83
N GLN B 30 -8.29 30.10 19.98
CA GLN B 30 -7.57 30.77 18.87
C GLN B 30 -8.45 31.14 17.67
N VAL B 31 -9.45 30.30 17.36
CA VAL B 31 -10.36 30.51 16.24
C VAL B 31 -11.80 30.39 16.76
N PRO B 32 -12.36 31.50 17.33
CA PRO B 32 -13.63 31.35 18.02
C PRO B 32 -14.77 30.89 17.11
N GLY B 33 -15.61 30.01 17.67
CA GLY B 33 -16.76 29.44 16.96
C GLY B 33 -16.50 28.10 16.28
N PHE B 34 -15.21 27.78 16.10
CA PHE B 34 -14.81 26.56 15.40
C PHE B 34 -15.03 25.34 16.26
N THR B 35 -15.66 24.32 15.69
CA THR B 35 -16.06 23.09 16.42
C THR B 35 -15.57 21.88 15.60
N PRO B 36 -14.47 21.20 16.01
CA PRO B 36 -14.12 19.96 15.36
C PRO B 36 -15.29 19.00 15.47
N ARG B 37 -15.55 18.25 14.41
CA ARG B 37 -16.77 17.47 14.33
C ARG B 37 -16.55 16.10 13.64
N LEU B 38 -16.94 15.07 14.39
CA LEU B 38 -16.90 13.68 13.96
C LEU B 38 -18.34 13.25 13.77
N ALA B 39 -18.56 12.41 12.77
CA ALA B 39 -19.87 11.76 12.57
C ALA B 39 -19.66 10.27 12.46
N ILE B 40 -20.51 9.49 13.11
CA ILE B 40 -20.51 8.03 13.00
C ILE B 40 -21.85 7.57 12.45
N LEU B 41 -21.80 6.80 11.36
CA LEU B 41 -22.98 6.34 10.67
C LEU B 41 -23.09 4.86 10.98
N GLN B 42 -24.25 4.47 11.50
CA GLN B 42 -24.55 3.10 11.87
C GLN B 42 -25.75 2.61 11.05
N VAL B 43 -25.74 1.33 10.68
CA VAL B 43 -26.86 0.70 10.02
C VAL B 43 -27.32 -0.46 10.88
N GLY B 44 -28.59 -0.44 11.23
CA GLY B 44 -29.16 -1.44 12.12
C GLY B 44 -28.96 -1.06 13.57
N ASN B 45 -28.89 -2.08 14.41
CA ASN B 45 -28.88 -1.87 15.84
C ASN B 45 -28.14 -3.00 16.57
N ARG B 46 -27.00 -3.43 16.03
CA ARG B 46 -26.22 -4.48 16.71
C ARG B 46 -25.78 -4.00 18.08
N ASP B 47 -25.82 -4.91 19.06
CA ASP B 47 -25.44 -4.57 20.45
C ASP B 47 -23.96 -4.22 20.64
N ASP B 48 -23.09 -4.95 19.95
CA ASP B 48 -21.65 -4.66 19.97
C ASP B 48 -21.31 -3.31 19.31
N SER B 49 -21.90 -3.04 18.15
CA SER B 49 -21.76 -1.74 17.50
C SER B 49 -22.31 -0.61 18.40
N ASN B 50 -23.48 -0.81 19.02
CA ASN B 50 -23.99 0.18 19.95
C ASN B 50 -23.00 0.50 21.07
N LEU B 51 -22.41 -0.53 21.68
CA LEU B 51 -21.41 -0.35 22.73
C LEU B 51 -20.17 0.40 22.24
N TYR B 52 -19.61 -0.02 21.11
CA TYR B 52 -18.40 0.59 20.58
C TYR B 52 -18.63 2.06 20.22
N ILE B 53 -19.81 2.35 19.65
CA ILE B 53 -20.15 3.69 19.25
C ILE B 53 -20.24 4.58 20.48
N ASN B 54 -20.91 4.14 21.54
CA ASN B 54 -20.99 4.95 22.78
C ASN B 54 -19.60 5.32 23.32
N VAL B 55 -18.67 4.36 23.32
CA VAL B 55 -17.31 4.62 23.77
C VAL B 55 -16.64 5.71 22.91
N LYS B 56 -16.74 5.59 21.59
CA LYS B 56 -16.22 6.62 20.70
C LYS B 56 -16.85 8.00 21.00
N LEU B 57 -18.18 8.05 21.15
CA LEU B 57 -18.88 9.32 21.39
C LEU B 57 -18.52 9.99 22.72
N LYS B 58 -18.36 9.18 23.75
CA LYS B 58 -18.00 9.65 25.10
C LYS B 58 -16.55 10.20 25.14
N ALA B 59 -15.63 9.54 24.46
CA ALA B 59 -14.25 10.00 24.34
C ALA B 59 -14.17 11.34 23.61
N ALA B 60 -14.96 11.45 22.55
CA ALA B 60 -15.05 12.66 21.72
C ALA B 60 -15.59 13.87 22.50
N GLU B 61 -16.70 13.66 23.22
CA GLU B 61 -17.33 14.73 24.00
C GLU B 61 -16.44 15.17 25.17
N GLU B 62 -15.67 14.26 25.75
CA GLU B 62 -14.69 14.66 26.77
C GLU B 62 -13.52 15.50 26.20
N ILE B 63 -13.15 15.26 24.95
CA ILE B 63 -12.10 16.01 24.25
C ILE B 63 -12.59 17.40 23.78
N GLY B 64 -13.90 17.55 23.66
CA GLY B 64 -14.50 18.74 23.10
C GLY B 64 -14.77 18.63 21.62
N ILE B 65 -14.70 17.42 21.06
CA ILE B 65 -15.14 17.17 19.68
C ILE B 65 -16.66 17.03 19.67
N LYS B 66 -17.33 17.66 18.72
CA LYS B 66 -18.77 17.47 18.53
C LYS B 66 -18.97 16.16 17.78
N ALA B 67 -19.63 15.20 18.44
CA ALA B 67 -19.81 13.87 17.90
C ALA B 67 -21.29 13.61 17.59
N THR B 68 -21.57 13.40 16.31
CA THR B 68 -22.90 13.14 15.78
C THR B 68 -23.02 11.63 15.55
N HIS B 69 -24.15 11.06 15.97
CA HIS B 69 -24.44 9.65 15.75
C HIS B 69 -25.70 9.59 14.91
N ILE B 70 -25.58 8.90 13.77
CA ILE B 70 -26.68 8.73 12.84
C ILE B 70 -26.94 7.25 12.79
N LYS B 71 -28.03 6.81 13.41
CA LYS B 71 -28.43 5.41 13.44
C LYS B 71 -29.60 5.16 12.47
N LEU B 72 -29.35 4.36 11.43
CA LEU B 72 -30.37 4.04 10.43
C LEU B 72 -30.92 2.64 10.66
N PRO B 73 -32.23 2.45 10.41
CA PRO B 73 -32.88 1.17 10.75
C PRO B 73 -32.46 0.03 9.82
N ARG B 74 -32.79 -1.20 10.22
CA ARG B 74 -32.41 -2.41 9.46
C ARG B 74 -33.00 -2.44 8.05
N THR B 75 -34.15 -1.79 7.88
CA THR B 75 -34.85 -1.68 6.59
C THR B 75 -34.09 -0.89 5.53
N THR B 76 -33.09 -0.10 5.92
CA THR B 76 -32.28 0.72 5.00
C THR B 76 -31.68 -0.07 3.80
N THR B 77 -31.64 0.60 2.64
CA THR B 77 -31.02 0.08 1.41
C THR B 77 -29.69 0.74 1.12
N GLU B 78 -28.99 0.16 0.15
CA GLU B 78 -27.70 0.67 -0.33
C GLU B 78 -27.81 2.09 -0.81
N SER B 79 -28.81 2.38 -1.63
CA SER B 79 -29.03 3.74 -2.09
C SER B 79 -29.18 4.73 -0.93
N GLU B 80 -29.90 4.37 0.13
CA GLU B 80 -30.09 5.30 1.26
C GLU B 80 -28.76 5.53 1.96
N VAL B 81 -28.03 4.45 2.23
CA VAL B 81 -26.71 4.53 2.85
C VAL B 81 -25.81 5.46 2.05
N MET B 82 -25.74 5.25 0.73
CA MET B 82 -24.96 6.12 -0.17
C MET B 82 -25.38 7.61 -0.13
N LYS B 83 -26.67 7.88 0.01
CA LYS B 83 -27.15 9.25 0.10
C LYS B 83 -26.62 9.94 1.37
N TYR B 84 -26.63 9.23 2.50
CA TYR B 84 -25.97 9.76 3.70
C TYR B 84 -24.46 9.98 3.56
N ILE B 85 -23.76 9.04 2.92
CA ILE B 85 -22.31 9.14 2.74
C ILE B 85 -22.06 10.43 1.97
N THR B 86 -22.78 10.60 0.86
CA THR B 86 -22.69 11.79 0.00
C THR B 86 -22.99 13.11 0.76
N SER B 87 -23.99 13.11 1.62
CA SER B 87 -24.35 14.31 2.41
C SER B 87 -23.30 14.67 3.43
N LEU B 88 -22.70 13.67 4.08
CA LEU B 88 -21.56 13.88 5.01
C LEU B 88 -20.30 14.32 4.29
N ASN B 89 -20.07 13.75 3.11
CA ASN B 89 -19.04 14.28 2.21
C ASN B 89 -19.19 15.79 1.99
N GLU B 90 -20.39 16.25 1.65
CA GLU B 90 -20.63 17.67 1.32
C GLU B 90 -20.85 18.61 2.54
N ASP B 91 -21.34 18.09 3.67
CA ASP B 91 -21.52 18.87 4.90
C ASP B 91 -20.15 19.35 5.37
N SER B 92 -19.86 20.63 5.09
CA SER B 92 -18.55 21.23 5.42
C SER B 92 -18.29 21.40 6.91
N THR B 93 -19.33 21.37 7.76
CA THR B 93 -19.12 21.38 9.24
C THR B 93 -18.53 20.08 9.79
N VAL B 94 -18.53 19.01 9.00
CA VAL B 94 -18.09 17.67 9.40
C VAL B 94 -16.70 17.38 8.83
N HIS B 95 -15.73 17.25 9.75
CA HIS B 95 -14.32 17.08 9.37
C HIS B 95 -13.92 15.63 9.17
N GLY B 96 -14.41 14.76 10.05
CA GLY B 96 -14.21 13.34 9.92
C GLY B 96 -15.51 12.57 10.05
N PHE B 97 -15.64 11.49 9.29
CA PHE B 97 -16.68 10.51 9.57
C PHE B 97 -16.26 9.09 9.23
N LEU B 98 -16.97 8.12 9.80
CA LEU B 98 -16.71 6.70 9.57
C LEU B 98 -18.06 5.97 9.44
N VAL B 99 -18.04 4.81 8.79
CA VAL B 99 -19.16 3.89 8.84
C VAL B 99 -18.78 2.74 9.77
N GLN B 100 -19.54 2.56 10.83
CA GLN B 100 -19.30 1.47 11.77
C GLN B 100 -19.64 0.16 11.07
N LEU B 101 -18.79 -0.86 11.23
CA LEU B 101 -19.01 -2.17 10.59
C LEU B 101 -19.15 -3.33 11.62
N PRO B 102 -19.73 -4.47 11.23
CA PRO B 102 -20.44 -4.67 9.97
C PRO B 102 -21.83 -4.03 9.95
N LEU B 103 -22.34 -3.77 8.76
CA LEU B 103 -23.67 -3.18 8.56
C LEU B 103 -24.73 -4.21 8.90
N ASP B 104 -25.77 -3.81 9.62
CA ASP B 104 -26.87 -4.70 9.96
C ASP B 104 -28.11 -4.26 9.22
N SER B 105 -28.30 -4.78 8.00
CA SER B 105 -29.50 -4.53 7.20
C SER B 105 -30.16 -5.82 6.76
N GLU B 106 -31.48 -5.76 6.54
CA GLU B 106 -32.22 -6.89 5.95
C GLU B 106 -31.97 -7.01 4.44
N ASN B 107 -31.48 -5.94 3.81
CA ASN B 107 -31.12 -5.94 2.39
C ASN B 107 -29.65 -6.17 2.15
N SER B 108 -29.32 -6.63 0.94
CA SER B 108 -27.93 -6.75 0.51
C SER B 108 -27.33 -5.35 0.40
N ILE B 109 -26.15 -5.16 0.98
CA ILE B 109 -25.41 -3.89 0.81
C ILE B 109 -23.93 -4.27 0.59
N ASN B 110 -23.30 -3.65 -0.42
CA ASN B 110 -21.89 -3.83 -0.73
C ASN B 110 -21.04 -2.95 0.19
N THR B 111 -20.46 -3.54 1.22
CA THR B 111 -19.61 -2.80 2.19
C THR B 111 -18.45 -2.05 1.52
N GLU B 112 -17.83 -2.63 0.50
CA GLU B 112 -16.68 -2.01 -0.15
C GLU B 112 -17.07 -0.73 -0.91
N GLU B 113 -18.17 -0.78 -1.67
CA GLU B 113 -18.69 0.39 -2.41
C GLU B 113 -19.14 1.54 -1.51
N VAL B 114 -19.71 1.20 -0.35
CA VAL B 114 -20.12 2.17 0.67
C VAL B 114 -18.90 2.88 1.27
N ILE B 115 -17.97 2.10 1.79
CA ILE B 115 -16.69 2.62 2.33
C ILE B 115 -15.91 3.44 1.31
N ASN B 116 -15.88 3.00 0.05
CA ASN B 116 -15.08 3.69 -0.97
C ASN B 116 -15.74 4.97 -1.52
N ALA B 117 -17.03 5.18 -1.21
CA ALA B 117 -17.73 6.45 -1.46
C ALA B 117 -17.39 7.52 -0.45
N ILE B 118 -16.75 7.15 0.66
CA ILE B 118 -16.32 8.14 1.66
C ILE B 118 -15.25 9.05 1.07
N ALA B 119 -15.41 10.36 1.29
CA ALA B 119 -14.45 11.33 0.79
C ALA B 119 -13.14 11.04 1.50
N PRO B 120 -12.04 10.85 0.74
CA PRO B 120 -10.76 10.46 1.38
C PRO B 120 -10.23 11.43 2.43
N GLU B 121 -10.67 12.70 2.36
CA GLU B 121 -10.25 13.76 3.27
C GLU B 121 -10.95 13.67 4.63
N LYS B 122 -12.05 12.92 4.70
CA LYS B 122 -12.78 12.70 5.94
C LYS B 122 -12.67 11.29 6.49
N ASP B 123 -11.92 10.42 5.79
CA ASP B 123 -11.89 8.97 6.09
C ASP B 123 -11.00 8.69 7.29
N VAL B 124 -11.49 9.02 8.47
CA VAL B 124 -10.73 8.95 9.71
C VAL B 124 -10.36 7.50 10.13
N ASP B 125 -11.20 6.51 9.78
CA ASP B 125 -10.81 5.09 9.96
C ASP B 125 -9.77 4.59 8.93
N GLY B 126 -9.55 5.37 7.86
CA GLY B 126 -8.44 5.18 6.93
C GLY B 126 -8.53 3.96 6.06
N LEU B 127 -9.76 3.48 5.82
CA LEU B 127 -9.91 2.23 5.11
C LEU B 127 -10.28 2.37 3.66
N THR B 128 -10.52 3.58 3.17
CA THR B 128 -10.79 3.76 1.74
C THR B 128 -9.58 3.28 0.93
N SER B 129 -9.80 2.80 -0.29
CA SER B 129 -8.69 2.48 -1.17
C SER B 129 -7.80 3.72 -1.48
N ILE B 130 -8.43 4.88 -1.67
CA ILE B 130 -7.67 6.10 -1.99
C ILE B 130 -6.74 6.44 -0.84
N ASN B 131 -7.21 6.32 0.39
CA ASN B 131 -6.37 6.63 1.55
C ASN B 131 -5.31 5.55 1.78
N ALA B 132 -5.67 4.29 1.58
CA ALA B 132 -4.71 3.18 1.68
C ALA B 132 -3.57 3.34 0.70
N GLY B 133 -3.89 3.78 -0.51
CA GLY B 133 -2.90 4.01 -1.54
C GLY B 133 -1.96 5.16 -1.24
N ARG B 134 -2.50 6.19 -0.61
CA ARG B 134 -1.69 7.33 -0.19
C ARG B 134 -0.72 6.94 0.95
N LEU B 135 -1.22 6.18 1.92
CA LEU B 135 -0.38 5.59 2.97
C LEU B 135 0.66 4.62 2.42
N ALA B 136 0.24 3.75 1.51
CA ALA B 136 1.10 2.69 0.99
C ALA B 136 2.27 3.21 0.18
N ARG B 137 2.10 4.41 -0.39
CA ARG B 137 3.13 5.05 -1.22
C ARG B 137 3.78 6.29 -0.59
N GLY B 138 3.58 6.50 0.71
CA GLY B 138 4.45 7.39 1.49
C GLY B 138 3.93 8.73 1.89
N ASP B 139 2.61 8.94 1.78
CA ASP B 139 2.03 10.27 2.07
C ASP B 139 1.50 10.39 3.52
N LEU B 140 2.39 10.17 4.48
CA LEU B 140 2.04 10.15 5.89
C LEU B 140 1.86 11.54 6.50
N ASN B 141 2.35 12.58 5.83
CA ASN B 141 2.12 13.97 6.24
C ASN B 141 0.65 14.28 6.47
N ASP B 142 -0.21 13.74 5.61
CA ASP B 142 -1.63 14.09 5.65
C ASP B 142 -2.68 12.97 5.39
N CYS B 143 -2.28 11.73 5.12
CA CYS B 143 -3.28 10.65 5.03
C CYS B 143 -3.75 10.29 6.44
N PHE B 144 -4.88 9.62 6.50
CA PHE B 144 -5.34 8.98 7.71
C PHE B 144 -4.74 7.62 7.81
N ILE B 145 -4.53 7.20 9.05
CA ILE B 145 -3.93 5.90 9.36
C ILE B 145 -4.98 5.10 10.11
N PRO B 146 -5.23 3.85 9.71
CA PRO B 146 -6.21 3.09 10.48
C PRO B 146 -5.81 2.98 11.95
N CYS B 147 -6.82 3.02 12.83
CA CYS B 147 -6.57 3.31 14.23
C CYS B 147 -5.68 2.28 14.99
N THR B 148 -5.85 1.00 14.69
CA THR B 148 -5.00 -0.04 15.33
C THR B 148 -3.49 0.12 15.01
N PRO B 149 -3.13 0.17 13.71
CA PRO B 149 -1.71 0.40 13.39
C PRO B 149 -1.15 1.77 13.83
N LYS B 150 -1.99 2.82 13.78
CA LYS B 150 -1.65 4.13 14.38
C LYS B 150 -1.24 3.94 15.82
N GLY B 151 -2.03 3.17 16.57
CA GLY B 151 -1.76 2.93 17.98
C GLY B 151 -0.48 2.16 18.20
N CYS B 152 -0.26 1.15 17.35
CA CYS B 152 0.98 0.37 17.36
C CYS B 152 2.21 1.23 17.10
N LEU B 153 2.12 2.12 16.10
CA LEU B 153 3.24 3.00 15.79
C LEU B 153 3.55 3.92 16.98
N GLU B 154 2.51 4.41 17.62
CA GLU B 154 2.67 5.28 18.79
C GLU B 154 3.37 4.55 19.93
N LEU B 155 2.96 3.30 20.18
CA LEU B 155 3.54 2.49 21.23
C LEU B 155 5.02 2.21 20.96
N ILE B 156 5.39 1.93 19.70
CA ILE B 156 6.78 1.74 19.33
C ILE B 156 7.59 3.03 19.66
N LYS B 157 7.04 4.20 19.35
CA LYS B 157 7.73 5.46 19.61
C LYS B 157 7.89 5.78 21.10
N GLU B 158 6.97 5.30 21.95
CA GLU B 158 7.10 5.53 23.39
C GLU B 158 8.33 4.86 23.99
N THR B 159 8.99 3.98 23.24
CA THR B 159 10.18 3.33 23.75
C THR B 159 11.40 4.25 23.73
N GLY B 160 11.36 5.27 22.86
CA GLY B 160 12.53 6.08 22.55
C GLY B 160 13.52 5.46 21.57
N VAL B 161 13.34 4.20 21.20
CA VAL B 161 14.25 3.54 20.28
C VAL B 161 13.88 3.90 18.84
N PRO B 162 14.80 4.55 18.08
CA PRO B 162 14.39 4.94 16.74
C PRO B 162 14.17 3.72 15.83
N ILE B 163 13.31 3.93 14.84
CA ILE B 163 12.88 2.88 13.92
C ILE B 163 13.83 2.71 12.74
N ALA B 164 14.33 3.81 12.20
CA ALA B 164 15.23 3.83 11.01
C ALA B 164 16.32 2.75 11.03
N GLY B 165 16.39 1.96 9.98
CA GLY B 165 17.43 0.96 9.85
C GLY B 165 17.26 -0.29 10.69
N ARG B 166 16.25 -0.33 11.55
CA ARG B 166 15.89 -1.55 12.28
C ARG B 166 15.17 -2.48 11.30
N HIS B 167 15.35 -3.79 11.49
CA HIS B 167 14.60 -4.78 10.75
C HIS B 167 13.31 -5.03 11.53
N ALA B 168 12.18 -4.67 10.94
CA ALA B 168 10.87 -4.90 11.54
C ALA B 168 10.16 -6.03 10.81
N VAL B 169 9.33 -6.75 11.57
CA VAL B 169 8.58 -7.89 11.06
C VAL B 169 7.10 -7.72 11.40
N VAL B 170 6.24 -7.77 10.40
CA VAL B 170 4.79 -7.77 10.60
C VAL B 170 4.23 -9.16 10.28
N VAL B 171 3.60 -9.79 11.27
CA VAL B 171 2.97 -11.09 11.08
C VAL B 171 1.49 -10.79 10.86
N GLY B 172 1.06 -10.83 9.61
CA GLY B 172 -0.31 -10.49 9.23
C GLY B 172 -0.30 -9.35 8.21
N ARG B 173 -1.24 -9.41 7.25
CA ARG B 173 -1.31 -8.46 6.11
C ARG B 173 -2.76 -7.99 5.85
N SER B 174 -3.56 -7.90 6.91
CA SER B 174 -4.96 -7.54 6.79
C SER B 174 -5.11 -6.08 6.44
N LYS B 175 -6.24 -5.72 5.83
CA LYS B 175 -6.58 -4.32 5.53
C LYS B 175 -6.66 -3.48 6.78
N ILE B 176 -7.18 -4.07 7.87
CA ILE B 176 -7.42 -3.37 9.13
C ILE B 176 -6.12 -3.13 9.93
N VAL B 177 -5.17 -4.07 9.88
CA VAL B 177 -3.98 -3.94 10.73
C VAL B 177 -2.67 -4.21 9.99
N GLY B 178 -2.47 -5.45 9.53
CA GLY B 178 -1.18 -5.87 8.98
C GLY B 178 -0.59 -5.05 7.82
N ALA B 179 -1.39 -4.81 6.78
CA ALA B 179 -0.94 -4.05 5.62
C ALA B 179 -0.64 -2.58 5.94
N PRO B 180 -1.55 -1.86 6.60
CA PRO B 180 -1.18 -0.51 7.01
C PRO B 180 -0.05 -0.45 8.02
N MET B 181 0.12 -1.49 8.83
CA MET B 181 1.26 -1.55 9.74
C MET B 181 2.59 -1.60 9.02
N HIS B 182 2.67 -2.39 7.94
CA HIS B 182 3.85 -2.43 7.05
C HIS B 182 4.17 -1.03 6.60
N ASP B 183 3.17 -0.34 6.07
CA ASP B 183 3.38 0.94 5.43
C ASP B 183 3.90 1.96 6.41
N LEU B 184 3.35 1.97 7.62
CA LEU B 184 3.86 2.88 8.65
C LEU B 184 5.31 2.61 8.99
N LEU B 185 5.67 1.32 9.09
CA LEU B 185 7.01 0.94 9.45
C LEU B 185 7.97 1.29 8.30
N LEU B 186 7.61 0.91 7.07
CA LEU B 186 8.42 1.20 5.90
C LEU B 186 8.68 2.69 5.76
N TRP B 187 7.65 3.53 5.93
CA TRP B 187 7.80 5.00 5.75
C TRP B 187 8.42 5.73 6.93
N ASN B 188 8.59 5.04 8.06
CA ASN B 188 9.52 5.45 9.13
C ASN B 188 10.89 4.76 8.99
N ASN B 189 11.22 4.32 7.78
CA ASN B 189 12.58 3.84 7.45
C ASN B 189 13.09 2.54 8.10
N ALA B 190 12.18 1.69 8.57
CA ALA B 190 12.53 0.30 8.88
C ALA B 190 12.65 -0.48 7.60
N THR B 191 13.37 -1.59 7.71
CA THR B 191 13.40 -2.58 6.66
C THR B 191 12.35 -3.57 7.10
N VAL B 192 11.31 -3.76 6.30
CA VAL B 192 10.13 -4.47 6.75
C VAL B 192 9.97 -5.78 6.02
N THR B 193 9.76 -6.85 6.78
CA THR B 193 9.41 -8.17 6.28
C THR B 193 7.95 -8.52 6.66
N THR B 194 7.12 -8.77 5.67
CA THR B 194 5.71 -9.09 5.93
C THR B 194 5.48 -10.60 5.85
N CYS B 195 4.94 -11.18 6.92
CA CYS B 195 4.65 -12.62 7.00
C CYS B 195 3.16 -12.84 7.01
N HIS B 196 2.74 -14.07 6.70
CA HIS B 196 1.32 -14.46 6.61
C HIS B 196 1.19 -16.00 6.71
N SER B 197 0.01 -16.54 6.41
CA SER B 197 -0.29 -17.97 6.59
C SER B 197 0.50 -18.92 5.71
N LYS B 198 0.99 -18.44 4.57
CA LYS B 198 1.84 -19.23 3.66
C LYS B 198 3.35 -19.02 3.88
N THR B 199 3.75 -18.23 4.87
CA THR B 199 5.15 -18.05 5.22
C THR B 199 5.73 -19.34 5.77
N ALA B 200 6.82 -19.81 5.16
CA ALA B 200 7.56 -20.97 5.69
C ALA B 200 8.52 -20.53 6.76
N HIS B 201 8.75 -21.42 7.73
CA HIS B 201 9.72 -21.18 8.81
C HIS B 201 9.44 -19.83 9.46
N LEU B 202 8.18 -19.63 9.84
CA LEU B 202 7.72 -18.39 10.47
C LEU B 202 8.56 -18.01 11.72
N ASP B 203 9.00 -19.01 12.47
CA ASP B 203 9.83 -18.79 13.66
C ASP B 203 11.15 -18.09 13.36
N GLU B 204 11.83 -18.56 12.32
CA GLU B 204 13.12 -17.99 11.91
C GLU B 204 12.98 -16.59 11.29
N GLU B 205 11.82 -16.29 10.68
CA GLU B 205 11.50 -14.93 10.24
C GLU B 205 11.29 -13.98 11.43
N VAL B 206 10.45 -14.39 12.35
CA VAL B 206 10.13 -13.61 13.55
C VAL B 206 11.41 -13.29 14.36
N ASN B 207 12.33 -14.24 14.41
CA ASN B 207 13.57 -14.09 15.13
C ASN B 207 14.50 -13.00 14.57
N LYS B 208 14.28 -12.56 13.32
CA LYS B 208 15.00 -11.42 12.75
C LYS B 208 14.45 -10.05 13.15
N GLY B 209 13.38 -10.02 13.93
CA GLY B 209 12.64 -8.78 14.18
C GLY B 209 13.08 -8.00 15.39
N ASP B 210 13.81 -6.89 15.16
CA ASP B 210 14.13 -5.86 16.16
C ASP B 210 12.85 -5.21 16.61
N ILE B 211 11.92 -5.06 15.67
CA ILE B 211 10.55 -4.64 15.95
C ILE B 211 9.63 -5.73 15.43
N LEU B 212 8.68 -6.14 16.26
CA LEU B 212 7.73 -7.18 15.89
C LEU B 212 6.31 -6.68 16.16
N VAL B 213 5.45 -6.73 15.14
CA VAL B 213 4.04 -6.41 15.30
C VAL B 213 3.27 -7.63 14.82
N VAL B 214 2.64 -8.35 15.76
CA VAL B 214 1.89 -9.55 15.43
C VAL B 214 0.39 -9.23 15.40
N ALA B 215 -0.24 -9.54 14.27
CA ALA B 215 -1.69 -9.37 14.11
C ALA B 215 -2.28 -10.48 13.26
N THR B 216 -2.46 -11.64 13.90
CA THR B 216 -2.91 -12.90 13.24
C THR B 216 -4.25 -13.52 13.64
N GLY B 217 -4.68 -13.28 14.88
CA GLY B 217 -5.86 -13.95 15.42
C GLY B 217 -5.66 -15.42 15.73
N GLN B 218 -4.42 -15.84 15.98
CA GLN B 218 -4.16 -17.21 16.44
C GLN B 218 -3.61 -17.10 17.87
N PRO B 219 -4.35 -17.62 18.88
CA PRO B 219 -3.98 -17.31 20.28
C PRO B 219 -2.60 -17.84 20.67
N GLU B 220 -1.73 -16.93 21.11
CA GLU B 220 -0.39 -17.26 21.63
C GLU B 220 0.51 -18.05 20.68
N MET B 221 0.28 -17.98 19.36
CA MET B 221 1.02 -18.83 18.40
C MET B 221 2.51 -18.50 18.33
N VAL B 222 2.84 -17.22 18.42
CA VAL B 222 4.21 -16.74 18.38
C VAL B 222 4.84 -16.95 19.74
N LYS B 223 5.69 -17.95 19.85
CA LYS B 223 6.27 -18.31 21.15
C LYS B 223 7.40 -17.36 21.53
N GLY B 224 7.76 -17.35 22.81
CA GLY B 224 8.86 -16.51 23.32
C GLY B 224 10.22 -16.85 22.77
N GLU B 225 10.47 -18.14 22.55
CA GLU B 225 11.67 -18.63 21.88
C GLU B 225 11.91 -17.89 20.54
N TRP B 226 10.84 -17.59 19.79
CA TRP B 226 10.96 -16.97 18.46
C TRP B 226 11.43 -15.51 18.52
N ILE B 227 11.22 -14.86 19.66
CA ILE B 227 11.47 -13.45 19.82
C ILE B 227 12.97 -13.16 19.83
N LYS B 228 13.39 -12.16 19.06
CA LYS B 228 14.78 -11.74 19.07
C LYS B 228 15.08 -11.11 20.44
N PRO B 229 16.20 -11.49 21.06
CA PRO B 229 16.58 -10.78 22.30
C PRO B 229 16.66 -9.28 22.06
N GLY B 230 15.99 -8.50 22.91
CA GLY B 230 16.00 -7.03 22.85
C GLY B 230 14.92 -6.42 21.98
N ALA B 231 14.04 -7.25 21.41
CA ALA B 231 13.04 -6.74 20.46
C ALA B 231 11.95 -5.93 21.15
N ILE B 232 11.29 -5.11 20.34
CA ILE B 232 10.06 -4.41 20.68
C ILE B 232 8.91 -5.27 20.14
N VAL B 233 8.03 -5.74 21.04
CA VAL B 233 6.94 -6.67 20.66
C VAL B 233 5.57 -6.00 20.84
N ILE B 234 4.86 -5.88 19.73
CA ILE B 234 3.56 -5.24 19.68
C ILE B 234 2.57 -6.33 19.36
N ASP B 235 1.66 -6.58 20.29
CA ASP B 235 0.71 -7.67 20.17
C ASP B 235 -0.71 -7.15 19.99
N CYS B 236 -1.24 -7.35 18.79
CA CYS B 236 -2.55 -6.82 18.43
C CYS B 236 -3.66 -7.77 18.77
N GLY B 237 -3.31 -9.00 19.17
CA GLY B 237 -4.29 -10.05 19.38
C GLY B 237 -5.28 -9.77 20.51
N ILE B 238 -6.55 -10.08 20.22
CA ILE B 238 -7.61 -10.14 21.20
C ILE B 238 -8.33 -11.46 20.95
N ASN B 239 -7.95 -12.47 21.74
CA ASN B 239 -8.47 -13.82 21.67
C ASN B 239 -9.04 -14.23 23.05
N TYR B 240 -10.30 -14.66 23.07
CA TYR B 240 -10.99 -15.03 24.30
C TYR B 240 -10.83 -16.53 24.61
N VAL B 241 -10.44 -16.83 25.84
CA VAL B 241 -10.27 -18.20 26.35
C VAL B 241 -11.00 -18.35 27.73
N PRO B 242 -11.83 -19.40 27.91
CA PRO B 242 -12.58 -19.40 29.18
C PRO B 242 -11.73 -19.74 30.40
N ASP B 243 -12.10 -19.15 31.53
CA ASP B 243 -11.26 -19.08 32.71
C ASP B 243 -12.16 -18.65 33.90
N ASP B 244 -12.43 -19.57 34.80
CA ASP B 244 -13.36 -19.27 35.93
C ASP B 244 -12.66 -18.51 37.04
N LYS B 245 -11.34 -18.38 36.93
CA LYS B 245 -10.58 -17.59 37.90
C LYS B 245 -10.68 -16.07 37.61
N LYS B 246 -11.37 -15.68 36.54
CA LYS B 246 -11.55 -14.27 36.15
C LYS B 246 -12.97 -13.77 36.47
N PRO B 247 -13.13 -12.48 36.83
CA PRO B 247 -14.47 -11.98 37.19
C PRO B 247 -15.63 -12.29 36.23
N ASN B 248 -15.38 -12.23 34.93
CA ASN B 248 -16.46 -12.42 33.94
C ASN B 248 -16.41 -13.76 33.20
N GLY B 249 -15.58 -14.69 33.71
CA GLY B 249 -15.46 -16.05 33.15
C GLY B 249 -14.61 -16.25 31.89
N ARG B 250 -13.91 -15.21 31.45
CA ARG B 250 -13.01 -15.33 30.29
C ARG B 250 -11.75 -14.51 30.49
N LYS B 251 -10.64 -15.03 29.98
CA LYS B 251 -9.43 -14.26 29.88
C LYS B 251 -9.20 -13.83 28.44
N VAL B 252 -8.33 -12.83 28.32
CA VAL B 252 -7.90 -12.32 27.01
C VAL B 252 -6.40 -12.64 26.89
N VAL B 253 -6.02 -13.27 25.78
CA VAL B 253 -4.61 -13.46 25.45
C VAL B 253 -4.34 -12.90 24.06
N GLY B 254 -3.08 -12.53 23.86
CA GLY B 254 -2.66 -11.92 22.61
C GLY B 254 -2.37 -12.98 21.59
N ASP B 255 -1.77 -12.56 20.48
CA ASP B 255 -1.22 -13.47 19.48
C ASP B 255 0.20 -13.89 19.85
N VAL B 256 0.76 -13.29 20.90
CA VAL B 256 2.08 -13.61 21.42
C VAL B 256 1.93 -14.30 22.78
N ALA B 257 2.74 -15.34 23.01
CA ALA B 257 2.87 -16.01 24.31
C ALA B 257 3.57 -15.06 25.26
N TYR B 258 2.80 -14.20 25.93
CA TYR B 258 3.32 -13.03 26.66
C TYR B 258 4.38 -13.39 27.71
N ASP B 259 4.08 -14.35 28.57
CA ASP B 259 4.97 -14.65 29.70
C ASP B 259 6.36 -15.08 29.24
N GLU B 260 6.44 -15.89 28.19
CA GLU B 260 7.73 -16.32 27.64
C GLU B 260 8.38 -15.21 26.80
N ALA B 261 7.56 -14.48 26.06
CA ALA B 261 8.06 -13.34 25.28
C ALA B 261 8.59 -12.18 26.14
N LYS B 262 8.02 -11.93 27.31
CA LYS B 262 8.47 -10.80 28.15
C LYS B 262 9.89 -10.99 28.73
N GLU B 263 10.36 -12.23 28.84
CA GLU B 263 11.73 -12.47 29.28
C GLU B 263 12.75 -12.10 28.17
N ARG B 264 12.36 -12.23 26.91
CA ARG B 264 13.27 -12.04 25.78
C ARG B 264 13.26 -10.61 25.25
N ALA B 265 12.07 -10.00 25.16
CA ALA B 265 11.92 -8.62 24.67
C ALA B 265 12.44 -7.57 25.63
N SER B 266 12.69 -6.37 25.10
CA SER B 266 13.02 -5.18 25.90
C SER B 266 11.78 -4.30 26.20
N PHE B 267 10.87 -4.25 25.24
CA PHE B 267 9.58 -3.62 25.41
C PHE B 267 8.51 -4.55 24.82
N ILE B 268 7.38 -4.67 25.51
CA ILE B 268 6.29 -5.54 25.05
C ILE B 268 4.93 -4.95 25.46
N THR B 269 3.91 -5.23 24.65
CA THR B 269 2.54 -4.82 24.94
C THR B 269 1.77 -5.97 25.60
N PRO B 270 1.24 -5.74 26.82
CA PRO B 270 0.44 -6.80 27.43
C PRO B 270 -0.94 -6.94 26.78
N VAL B 271 -1.61 -8.04 27.09
CA VAL B 271 -2.97 -8.27 26.62
C VAL B 271 -3.80 -8.79 27.78
N PRO B 272 -4.84 -8.07 28.21
CA PRO B 272 -5.29 -6.76 27.65
C PRO B 272 -4.39 -5.60 28.11
N GLY B 273 -4.82 -4.36 27.91
CA GLY B 273 -4.06 -3.16 28.37
C GLY B 273 -2.91 -2.67 27.49
N GLY B 274 -2.81 -3.18 26.27
CA GLY B 274 -1.72 -2.85 25.35
C GLY B 274 -2.19 -2.09 24.13
N VAL B 275 -2.38 -2.80 23.02
CA VAL B 275 -2.82 -2.14 21.76
C VAL B 275 -4.29 -1.70 21.87
N GLY B 276 -5.12 -2.51 22.51
CA GLY B 276 -6.56 -2.25 22.58
C GLY B 276 -7.03 -0.86 22.98
N PRO B 277 -6.61 -0.39 24.16
CA PRO B 277 -7.08 0.92 24.61
C PRO B 277 -6.48 2.11 23.85
N MET B 278 -5.47 1.90 23.01
CA MET B 278 -4.99 2.93 22.10
C MET B 278 -5.94 3.23 20.94
N THR B 279 -6.75 2.26 20.57
CA THR B 279 -7.69 2.37 19.45
C THR B 279 -8.56 3.62 19.32
N VAL B 280 -9.30 3.95 20.37
CA VAL B 280 -10.23 5.07 20.33
C VAL B 280 -9.49 6.39 20.38
N ALA B 281 -8.46 6.49 21.21
CA ALA B 281 -7.63 7.70 21.23
C ALA B 281 -7.07 8.04 19.84
N MET B 282 -6.65 7.03 19.09
CA MET B 282 -6.16 7.19 17.70
C MET B 282 -7.26 7.70 16.75
N LEU B 283 -8.49 7.20 16.90
CA LEU B 283 -9.60 7.75 16.12
C LEU B 283 -9.73 9.26 16.42
N MET B 284 -9.63 9.62 17.69
CA MET B 284 -9.79 11.02 18.10
C MET B 284 -8.63 11.86 17.57
N GLN B 285 -7.41 11.30 17.59
CA GLN B 285 -6.25 11.98 17.03
C GLN B 285 -6.39 12.24 15.53
N SER B 286 -6.85 11.23 14.79
CA SER B 286 -7.17 11.36 13.36
C SER B 286 -8.26 12.40 13.09
N THR B 287 -9.27 12.44 13.95
CA THR B 287 -10.35 13.43 13.84
C THR B 287 -9.83 14.87 13.99
N VAL B 288 -8.88 15.07 14.93
CA VAL B 288 -8.32 16.40 15.18
C VAL B 288 -7.38 16.81 14.04
N GLU B 289 -6.60 15.88 13.50
CA GLU B 289 -5.79 16.13 12.28
C GLU B 289 -6.71 16.59 11.13
N SER B 290 -7.86 15.93 10.96
CA SER B 290 -8.75 16.31 9.90
C SER B 290 -9.27 17.73 10.13
N ALA B 291 -9.62 18.02 11.38
CA ALA B 291 -10.11 19.35 11.76
C ALA B 291 -9.02 20.41 11.59
N LYS B 292 -7.77 20.08 11.94
CA LYS B 292 -6.61 21.01 11.75
C LYS B 292 -6.32 21.34 10.29
N ARG B 293 -6.35 20.32 9.43
CA ARG B 293 -6.12 20.53 8.00
C ARG B 293 -7.23 21.38 7.40
N PHE B 294 -8.47 21.15 7.84
CA PHE B 294 -9.62 21.95 7.38
C PHE B 294 -9.50 23.42 7.78
N LEU B 295 -8.88 23.70 8.92
CA LEU B 295 -8.69 25.06 9.41
C LEU B 295 -7.63 25.85 8.62
N GLU B 296 -7.32 25.46 7.37
CA GLU B 296 -6.22 26.02 6.60
C GLU B 296 -6.59 26.06 5.10
#